data_4YJI
#
_entry.id   4YJI
#
_cell.length_a   75.980
_cell.length_b   75.980
_cell.length_c   214.710
_cell.angle_alpha   90.00
_cell.angle_beta   90.00
_cell.angle_gamma   90.00
#
_symmetry.space_group_name_H-M   'P 41 21 2'
#
loop_
_entity.id
_entity.type
_entity.pdbx_description
1 polymer 'Aryl acylamidase'
2 non-polymer '3-CYCLOHEXYL-1-PROPYLSULFONIC ACID'
3 non-polymer 'N-(4-HYDROXYPHENYL)ACETAMIDE (TYLENOL)'
4 water water
#
_entity_poly.entity_id   1
_entity_poly.type   'polypeptide(L)'
_entity_poly.pdbx_seq_one_letter_code
;MGKSHSPVHWKSAAEIVELVKSKQISPREVVESTIDLIEQRDPGLNAVVYKAYDEAREKAAALERRIMQGEPVGMLAGVP
TLMKDLFAAKPGWPSTLGGIRALKDARGAAGVWSTYPLKMSGEDSLLLGQTNSPVYGFRGTTDNTFFGPTRNPFNLDFNA
GGSSGGAAALVADGIVPVAGGTDGGGAIRIPAAWTNTYGFQPSIGRVPFKSRPNAFHPGPYLYEGPITRTVRDAALAMNV
LHGFDRRDPASLRVKLDFTSALAQGVRGKKIGLTLNYGVFPVQQEIQDLIGKAARVFTELGAHVEFVDLGIPYSQKQMSD
AWCRMIAIPTVASMQALRKEGIDLYGEHRADIPDALMKWIDAVADISVQQISADQLLRTTVFDCMNGVFDRFDLLLAPTL
ACMPVRNATDGCTEGPSQINGEEIDPLIGWCMTYLTNFSGHPSASVPAGLIDGLPAGMLIIGDRQADLDVIAASAAFERA
SPWSQYYDIPAGRPL
;
_entity_poly.pdbx_strand_id   A
#
loop_
_chem_comp.id
_chem_comp.type
_chem_comp.name
_chem_comp.formula
CXS non-polymer '3-CYCLOHEXYL-1-PROPYLSULFONIC ACID' 'C9 H19 N O3 S'
TYL non-polymer 'N-(4-HYDROXYPHENYL)ACETAMIDE (TYLENOL)' 'C8 H9 N O2'
#
# COMPACT_ATOMS: atom_id res chain seq x y z
N SER A 6 4.31 22.47 15.97
CA SER A 6 3.08 21.74 15.65
C SER A 6 2.70 20.77 16.75
N PRO A 7 1.42 20.76 17.13
CA PRO A 7 0.97 19.79 18.13
C PRO A 7 0.83 18.37 17.59
N VAL A 8 0.84 18.18 16.27
CA VAL A 8 0.54 16.86 15.71
C VAL A 8 1.61 16.28 14.77
N HIS A 9 2.50 17.12 14.24
CA HIS A 9 3.57 16.65 13.36
C HIS A 9 4.37 15.52 14.03
N TRP A 10 4.52 14.40 13.33
CA TRP A 10 5.28 13.23 13.79
C TRP A 10 4.66 12.47 14.98
N LYS A 11 3.49 12.88 15.45
CA LYS A 11 2.82 12.13 16.52
C LYS A 11 2.24 10.81 15.98
N SER A 12 2.32 9.75 16.78
CA SER A 12 1.74 8.46 16.36
C SER A 12 0.23 8.46 16.51
N ALA A 13 -0.42 7.48 15.89
CA ALA A 13 -1.87 7.38 16.03
C ALA A 13 -2.24 7.08 17.48
N ALA A 14 -1.47 6.18 18.10
CA ALA A 14 -1.66 5.88 19.52
C ALA A 14 -1.57 7.14 20.37
N GLU A 15 -0.57 7.98 20.08
CA GLU A 15 -0.40 9.22 20.84
C GLU A 15 -1.58 10.19 20.65
N ILE A 16 -2.02 10.36 19.40
CA ILE A 16 -3.13 11.26 19.11
C ILE A 16 -4.43 10.79 19.77
N VAL A 17 -4.72 9.50 19.71
CA VAL A 17 -5.91 8.96 20.39
C VAL A 17 -5.88 9.33 21.87
N GLU A 18 -4.72 9.17 22.51
CA GLU A 18 -4.66 9.48 23.94
C GLU A 18 -4.76 10.99 24.20
N LEU A 19 -4.16 11.81 23.35
CA LEU A 19 -4.30 13.27 23.48
C LEU A 19 -5.76 13.71 23.37
N VAL A 20 -6.48 13.09 22.44
CA VAL A 20 -7.87 13.47 22.19
C VAL A 20 -8.80 12.93 23.29
N LYS A 21 -8.67 11.66 23.63
CA LYS A 21 -9.55 11.07 24.64
C LYS A 21 -9.29 11.62 26.04
N SER A 22 -8.07 12.05 26.32
CA SER A 22 -7.76 12.67 27.61
C SER A 22 -8.10 14.17 27.63
N LYS A 23 -8.66 14.65 26.51
CA LYS A 23 -9.06 16.05 26.34
C LYS A 23 -7.89 17.05 26.41
N GLN A 24 -6.69 16.60 26.09
CA GLN A 24 -5.55 17.53 26.02
C GLN A 24 -5.60 18.39 24.77
N ILE A 25 -6.22 17.86 23.72
CA ILE A 25 -6.37 18.59 22.47
C ILE A 25 -7.75 18.26 21.88
N SER A 26 -8.41 19.26 21.31
CA SER A 26 -9.68 19.05 20.62
C SER A 26 -9.48 18.47 19.23
N PRO A 27 -10.42 17.62 18.78
CA PRO A 27 -10.45 17.16 17.38
C PRO A 27 -10.38 18.35 16.41
N ARG A 28 -10.99 19.47 16.79
CA ARG A 28 -10.91 20.69 15.99
C ARG A 28 -9.48 21.13 15.72
N GLU A 29 -8.65 21.09 16.76
CA GLU A 29 -7.26 21.52 16.64
C GLU A 29 -6.45 20.50 15.85
N VAL A 30 -6.75 19.21 16.05
CA VAL A 30 -6.09 18.18 15.26
C VAL A 30 -6.32 18.47 13.78
N VAL A 31 -7.55 18.78 13.40
CA VAL A 31 -7.85 19.04 11.99
C VAL A 31 -7.14 20.29 11.50
N GLU A 32 -7.24 21.39 12.25
CA GLU A 32 -6.63 22.64 11.77
C GLU A 32 -5.10 22.53 11.71
N SER A 33 -4.50 21.81 12.65
CA SER A 33 -3.04 21.63 12.67
C SER A 33 -2.57 20.74 11.54
N THR A 34 -3.37 19.74 11.21
CA THR A 34 -3.03 18.84 10.11
C THR A 34 -3.16 19.59 8.79
N ILE A 35 -4.21 20.39 8.67
CA ILE A 35 -4.40 21.21 7.48
C ILE A 35 -3.18 22.13 7.30
N ASP A 36 -2.71 22.74 8.39
CA ASP A 36 -1.53 23.60 8.34
C ASP A 36 -0.33 22.86 7.76
N LEU A 37 -0.15 21.62 8.22
CA LEU A 37 1.00 20.83 7.76
C LEU A 37 0.87 20.48 6.29
N ILE A 38 -0.34 20.17 5.85
CA ILE A 38 -0.55 19.84 4.45
C ILE A 38 -0.26 21.06 3.58
N GLU A 39 -0.78 22.22 3.98
CA GLU A 39 -0.59 23.41 3.17
C GLU A 39 0.88 23.84 3.15
N GLN A 40 1.60 23.56 4.23
CA GLN A 40 3.00 23.96 4.35
C GLN A 40 3.95 22.99 3.62
N ARG A 41 3.68 21.70 3.74
CA ARG A 41 4.65 20.67 3.35
C ARG A 41 4.30 19.91 2.07
N ASP A 42 3.01 19.79 1.77
CA ASP A 42 2.60 19.05 0.56
C ASP A 42 2.92 19.72 -0.79
N PRO A 43 3.10 21.07 -0.85
CA PRO A 43 3.45 21.62 -2.16
C PRO A 43 4.61 20.91 -2.86
N GLY A 44 5.65 20.54 -2.12
CA GLY A 44 6.76 19.81 -2.67
C GLY A 44 6.45 18.36 -2.98
N LEU A 45 5.69 17.71 -2.10
CA LEU A 45 5.43 16.28 -2.22
C LEU A 45 4.43 15.97 -3.33
N ASN A 46 3.44 16.85 -3.49
CA ASN A 46 2.36 16.63 -4.47
C ASN A 46 1.69 15.29 -4.20
N ALA A 47 1.32 15.07 -2.94
CA ALA A 47 0.72 13.81 -2.50
C ALA A 47 -0.80 13.87 -2.42
N VAL A 48 -1.33 15.06 -2.11
CA VAL A 48 -2.76 15.23 -1.95
C VAL A 48 -3.42 15.65 -3.26
N VAL A 49 -4.48 14.97 -3.67
CA VAL A 49 -5.19 15.33 -4.89
C VAL A 49 -6.62 15.81 -4.65
N TYR A 50 -7.12 15.67 -3.43
CA TYR A 50 -8.42 16.23 -3.06
C TYR A 50 -8.41 16.58 -1.60
N LYS A 51 -8.94 17.76 -1.27
CA LYS A 51 -8.97 18.22 0.10
C LYS A 51 -10.41 18.32 0.58
N ALA A 52 -10.72 17.61 1.65
CA ALA A 52 -12.08 17.57 2.20
C ALA A 52 -12.10 18.29 3.54
N TYR A 53 -11.56 19.49 3.55
CA TYR A 53 -11.31 20.18 4.80
C TYR A 53 -12.59 20.49 5.57
N ASP A 54 -13.61 21.00 4.89
CA ASP A 54 -14.83 21.37 5.61
C ASP A 54 -15.53 20.14 6.17
N GLU A 55 -15.49 19.02 5.44
CA GLU A 55 -16.09 17.80 5.96
C GLU A 55 -15.39 17.35 7.24
N ALA A 56 -14.06 17.39 7.23
CA ALA A 56 -13.30 17.03 8.43
C ALA A 56 -13.59 17.99 9.58
N ARG A 57 -13.74 19.28 9.27
CA ARG A 57 -14.08 20.27 10.32
C ARG A 57 -15.44 19.96 10.95
N GLU A 58 -16.40 19.59 10.11
CA GLU A 58 -17.73 19.21 10.55
C GLU A 58 -17.71 17.97 11.44
N LYS A 59 -16.96 16.97 11.00
CA LYS A 59 -16.84 15.75 11.77
C LYS A 59 -16.15 16.02 13.09
N ALA A 60 -15.16 16.92 13.08
CA ALA A 60 -14.43 17.25 14.31
C ALA A 60 -15.31 17.96 15.34
N ALA A 61 -16.18 18.84 14.86
CA ALA A 61 -17.13 19.53 15.75
C ALA A 61 -18.03 18.53 16.44
N ALA A 62 -18.53 17.56 15.69
CA ALA A 62 -19.41 16.54 16.24
C ALA A 62 -18.66 15.61 17.20
N LEU A 63 -17.44 15.23 16.84
CA LEU A 63 -16.63 14.39 17.73
C LEU A 63 -16.33 15.12 19.02
N GLU A 64 -15.99 16.41 18.90
CA GLU A 64 -15.71 17.21 20.09
C GLU A 64 -16.91 17.23 21.03
N ARG A 65 -18.11 17.41 20.48
CA ARG A 65 -19.32 17.45 21.31
C ARG A 65 -19.50 16.13 22.06
N ARG A 66 -19.31 15.02 21.37
CA ARG A 66 -19.47 13.72 21.99
C ARG A 66 -18.46 13.49 23.11
N ILE A 67 -17.23 13.95 22.90
CA ILE A 67 -16.19 13.82 23.92
C ILE A 67 -16.54 14.66 25.17
N MET A 68 -16.97 15.91 24.95
CA MET A 68 -17.30 16.77 26.09
C MET A 68 -18.52 16.27 26.83
N GLN A 69 -19.43 15.61 26.13
CA GLN A 69 -20.66 15.09 26.74
C GLN A 69 -20.52 13.67 27.26
N GLY A 70 -19.33 13.08 27.09
CA GLY A 70 -19.10 11.72 27.54
C GLY A 70 -19.90 10.66 26.80
N GLU A 71 -20.23 10.95 25.54
CA GLU A 71 -20.92 9.98 24.68
C GLU A 71 -19.91 9.03 24.02
N PRO A 72 -20.37 7.87 23.53
CA PRO A 72 -19.41 6.89 22.99
C PRO A 72 -18.60 7.43 21.80
N VAL A 73 -17.30 7.17 21.83
CA VAL A 73 -16.43 7.54 20.72
C VAL A 73 -15.62 6.32 20.28
N GLY A 74 -15.07 6.39 19.08
CA GLY A 74 -14.40 5.26 18.48
C GLY A 74 -12.97 5.01 18.91
N MET A 75 -12.45 3.86 18.49
CA MET A 75 -11.09 3.37 18.77
C MET A 75 -9.97 4.29 18.26
N LEU A 76 -10.27 5.05 17.20
CA LEU A 76 -9.29 5.90 16.57
C LEU A 76 -9.71 7.37 16.64
N ALA A 77 -10.42 7.71 17.71
CA ALA A 77 -10.99 9.06 17.85
C ALA A 77 -9.97 10.16 17.64
N GLY A 78 -10.19 10.95 16.61
CA GLY A 78 -9.38 12.11 16.34
C GLY A 78 -8.17 11.88 15.45
N VAL A 79 -7.92 10.64 15.04
CA VAL A 79 -6.75 10.37 14.20
C VAL A 79 -6.97 10.86 12.78
N PRO A 80 -6.12 11.78 12.28
CA PRO A 80 -6.32 12.30 10.93
C PRO A 80 -5.76 11.32 9.92
N THR A 81 -6.45 11.12 8.79
CA THR A 81 -5.94 10.24 7.75
C THR A 81 -6.48 10.67 6.38
N LEU A 82 -5.98 10.04 5.33
CA LEU A 82 -6.45 10.25 3.97
C LEU A 82 -6.59 8.92 3.25
N MET A 83 -7.52 8.86 2.30
CA MET A 83 -7.75 7.65 1.49
C MET A 83 -7.08 7.80 0.12
N LYS A 84 -6.91 6.70 -0.59
CA LYS A 84 -6.25 6.68 -1.89
C LYS A 84 -7.24 6.93 -3.03
N ASP A 85 -6.84 7.75 -4.00
CA ASP A 85 -7.67 8.03 -5.18
C ASP A 85 -7.49 6.95 -6.27
N LEU A 86 -7.89 5.73 -5.96
CA LEU A 86 -7.89 4.64 -6.94
C LEU A 86 -9.09 3.74 -6.65
N PHE A 87 -10.08 3.79 -7.55
CA PHE A 87 -11.39 3.19 -7.31
C PHE A 87 -11.95 3.66 -5.96
N ALA A 88 -11.64 4.89 -5.60
CA ALA A 88 -12.17 5.53 -4.41
C ALA A 88 -13.68 5.58 -4.45
N ALA A 89 -14.33 5.15 -3.37
CA ALA A 89 -15.77 5.38 -3.26
C ALA A 89 -16.08 5.97 -1.89
N LYS A 90 -16.53 7.21 -1.89
CA LYS A 90 -17.07 7.86 -0.69
C LYS A 90 -18.09 8.88 -1.19
N PRO A 91 -19.32 8.82 -0.66
CA PRO A 91 -20.40 9.69 -1.18
C PRO A 91 -19.98 11.16 -1.28
N GLY A 92 -20.17 11.75 -2.45
CA GLY A 92 -19.82 13.14 -2.65
C GLY A 92 -18.36 13.42 -2.98
N TRP A 93 -17.51 12.40 -2.87
CA TRP A 93 -16.08 12.61 -3.14
C TRP A 93 -15.73 12.25 -4.57
N PRO A 94 -14.65 12.84 -5.09
CA PRO A 94 -14.27 12.51 -6.46
C PRO A 94 -13.63 11.13 -6.55
N SER A 95 -13.52 10.61 -7.77
CA SER A 95 -12.82 9.36 -8.03
C SER A 95 -12.27 9.42 -9.45
N THR A 96 -10.96 9.60 -9.59
CA THR A 96 -10.37 9.82 -10.90
C THR A 96 -9.58 8.62 -11.41
N LEU A 97 -9.59 7.53 -10.63
CA LEU A 97 -8.85 6.31 -10.99
C LEU A 97 -7.38 6.61 -11.27
N GLY A 98 -6.79 7.43 -10.41
CA GLY A 98 -5.37 7.68 -10.53
C GLY A 98 -5.00 8.75 -11.54
N GLY A 99 -5.79 9.81 -11.59
CA GLY A 99 -5.42 10.97 -12.38
C GLY A 99 -5.87 10.94 -13.82
N ILE A 100 -7.05 10.37 -14.08
CA ILE A 100 -7.66 10.45 -15.40
C ILE A 100 -8.46 11.75 -15.52
N ARG A 101 -7.95 12.71 -16.31
CA ARG A 101 -8.57 14.03 -16.39
C ARG A 101 -10.05 13.98 -16.76
N ALA A 102 -10.41 13.06 -17.65
CA ALA A 102 -11.80 12.93 -18.11
C ALA A 102 -12.79 12.63 -16.99
N LEU A 103 -12.28 12.18 -15.84
CA LEU A 103 -13.15 11.80 -14.70
C LEU A 103 -13.18 12.88 -13.62
N LYS A 104 -12.61 14.05 -13.89
CA LYS A 104 -12.40 15.04 -12.83
C LYS A 104 -13.70 15.56 -12.21
N ASP A 105 -14.80 15.46 -12.93
CA ASP A 105 -16.08 15.96 -12.41
C ASP A 105 -16.96 14.87 -11.80
N ALA A 106 -16.46 13.63 -11.79
CA ALA A 106 -17.21 12.52 -11.21
C ALA A 106 -17.28 12.66 -9.69
N ARG A 107 -18.42 12.28 -9.11
CA ARG A 107 -18.59 12.30 -7.66
C ARG A 107 -19.31 11.06 -7.18
N GLY A 108 -18.88 10.53 -6.04
CA GLY A 108 -19.41 9.29 -5.52
C GLY A 108 -20.88 9.34 -5.19
N ALA A 109 -21.60 8.30 -5.57
CA ALA A 109 -23.03 8.23 -5.34
C ALA A 109 -23.34 7.86 -3.89
N ALA A 110 -24.56 8.18 -3.48
CA ALA A 110 -24.99 7.90 -2.10
C ALA A 110 -24.87 6.43 -1.76
N GLY A 111 -24.42 6.16 -0.54
CA GLY A 111 -24.45 4.82 0.00
C GLY A 111 -23.38 3.85 -0.50
N VAL A 112 -22.42 4.35 -1.29
CA VAL A 112 -21.38 3.49 -1.86
C VAL A 112 -20.03 3.84 -1.25
N TRP A 113 -19.41 2.86 -0.58
CA TRP A 113 -18.20 3.12 0.20
C TRP A 113 -17.04 2.17 -0.11
N SER A 114 -15.82 2.71 -0.20
CA SER A 114 -14.61 1.89 -0.09
C SER A 114 -14.42 1.50 1.36
N THR A 115 -13.67 0.43 1.61
CA THR A 115 -13.55 -0.11 2.98
C THR A 115 -12.80 0.84 3.93
N TYR A 116 -11.67 1.38 3.49
CA TYR A 116 -10.85 2.21 4.36
C TYR A 116 -11.65 3.42 4.88
N PRO A 117 -12.27 4.24 4.00
CA PRO A 117 -12.96 5.40 4.57
C PRO A 117 -14.16 5.00 5.45
N LEU A 118 -14.89 3.95 5.07
CA LEU A 118 -16.03 3.51 5.86
C LEU A 118 -15.62 3.09 7.26
N LYS A 119 -14.62 2.21 7.36
CA LYS A 119 -14.32 1.64 8.66
C LYS A 119 -13.48 2.57 9.54
N MET A 120 -12.59 3.34 8.93
CA MET A 120 -11.79 4.28 9.71
C MET A 120 -12.70 5.38 10.28
N SER A 121 -13.59 5.92 9.45
CA SER A 121 -14.48 6.97 9.95
C SER A 121 -15.47 6.40 10.97
N GLY A 122 -15.82 5.12 10.80
CA GLY A 122 -16.65 4.40 11.76
C GLY A 122 -16.10 4.37 13.17
N GLU A 123 -14.77 4.41 13.30
CA GLU A 123 -14.14 4.44 14.61
C GLU A 123 -13.59 5.82 14.92
N ASP A 124 -14.16 6.83 14.26
CA ASP A 124 -13.91 8.24 14.52
C ASP A 124 -12.53 8.78 14.13
N SER A 125 -11.86 8.11 13.19
CA SER A 125 -10.74 8.70 12.51
C SER A 125 -11.32 9.81 11.61
N LEU A 126 -10.56 10.87 11.39
CA LEU A 126 -11.01 12.01 10.57
C LEU A 126 -10.38 12.00 9.18
N LEU A 127 -11.20 11.86 8.15
CA LEU A 127 -10.71 11.81 6.76
C LEU A 127 -10.53 13.21 6.18
N LEU A 128 -9.31 13.55 5.81
CA LEU A 128 -9.04 14.92 5.35
C LEU A 128 -9.00 15.08 3.82
N GLY A 129 -8.95 13.98 3.08
CA GLY A 129 -8.86 14.06 1.64
C GLY A 129 -8.37 12.78 0.97
N GLN A 130 -7.88 12.89 -0.25
CA GLN A 130 -7.44 11.75 -1.05
C GLN A 130 -6.00 11.95 -1.52
N THR A 131 -5.31 10.83 -1.72
CA THR A 131 -3.91 10.85 -2.11
C THR A 131 -3.70 10.34 -3.55
N ASN A 132 -2.61 10.79 -4.16
CA ASN A 132 -2.29 10.51 -5.55
C ASN A 132 -1.93 9.06 -5.85
N SER A 133 -2.29 8.61 -7.04
CA SER A 133 -2.01 7.28 -7.57
C SER A 133 -1.78 7.39 -9.08
N PRO A 134 -0.99 6.46 -9.68
CA PRO A 134 -0.92 6.41 -11.14
C PRO A 134 -2.21 5.89 -11.74
N VAL A 135 -2.41 6.14 -13.04
CA VAL A 135 -3.64 5.73 -13.73
C VAL A 135 -3.93 4.24 -13.60
N TYR A 136 -5.13 3.92 -13.11
CA TYR A 136 -5.58 2.54 -12.89
C TYR A 136 -4.63 1.70 -12.02
N GLY A 137 -3.77 2.37 -11.26
CA GLY A 137 -2.81 1.70 -10.40
C GLY A 137 -1.74 0.93 -11.16
N PHE A 138 -1.61 1.21 -12.45
CA PHE A 138 -0.89 0.26 -13.32
C PHE A 138 0.62 0.52 -13.43
N ARG A 139 1.27 0.72 -12.28
CA ARG A 139 2.73 0.80 -12.19
C ARG A 139 3.17 0.96 -10.74
N GLY A 140 4.44 0.68 -10.46
CA GLY A 140 5.01 0.77 -9.13
C GLY A 140 5.56 2.14 -8.77
N THR A 141 5.24 3.13 -9.60
CA THR A 141 5.57 4.52 -9.35
C THR A 141 4.29 5.34 -9.27
N THR A 142 4.36 6.54 -8.70
CA THR A 142 3.19 7.40 -8.68
C THR A 142 3.43 8.64 -9.53
N ASP A 143 2.71 8.70 -10.64
CA ASP A 143 2.79 9.80 -11.59
C ASP A 143 1.61 9.65 -12.53
N ASN A 144 1.14 10.77 -13.08
CA ASN A 144 0.11 10.76 -14.11
C ASN A 144 0.11 12.16 -14.73
N THR A 145 -0.61 12.36 -15.82
CA THR A 145 -0.52 13.63 -16.54
C THR A 145 -1.53 14.67 -16.06
N PHE A 146 -2.34 14.30 -15.07
CA PHE A 146 -3.31 15.23 -14.52
C PHE A 146 -2.79 15.90 -13.24
N PHE A 147 -2.42 15.09 -12.25
CA PHE A 147 -1.89 15.62 -10.99
C PHE A 147 -0.36 15.70 -10.96
N GLY A 148 0.31 14.81 -11.70
CA GLY A 148 1.76 14.80 -11.69
C GLY A 148 2.36 13.77 -10.74
N PRO A 149 3.69 13.82 -10.55
CA PRO A 149 4.40 12.83 -9.73
C PRO A 149 4.30 13.13 -8.24
N THR A 150 4.21 12.08 -7.43
CA THR A 150 4.34 12.27 -5.99
C THR A 150 5.79 12.02 -5.64
N ARG A 151 6.40 12.98 -4.96
CA ARG A 151 7.85 12.96 -4.75
C ARG A 151 8.22 12.42 -3.38
N ASN A 152 9.46 11.93 -3.29
CA ASN A 152 9.96 11.26 -2.11
C ASN A 152 10.47 12.23 -1.04
N PRO A 153 9.87 12.18 0.16
CA PRO A 153 10.33 13.04 1.27
C PRO A 153 11.81 12.90 1.60
N PHE A 154 12.45 11.79 1.21
CA PHE A 154 13.88 11.63 1.49
C PHE A 154 14.75 12.31 0.45
N ASN A 155 14.17 12.57 -0.72
CA ASN A 155 14.82 13.32 -1.81
C ASN A 155 13.79 13.60 -2.90
N LEU A 156 13.37 14.86 -3.01
CA LEU A 156 12.24 15.20 -3.90
C LEU A 156 12.56 15.02 -5.38
N ASP A 157 13.84 14.82 -5.71
CA ASP A 157 14.20 14.49 -7.08
C ASP A 157 13.74 13.09 -7.46
N PHE A 158 13.41 12.29 -6.45
CA PHE A 158 13.02 10.90 -6.67
C PHE A 158 11.54 10.69 -6.38
N ASN A 159 11.02 9.58 -6.91
CA ASN A 159 9.62 9.22 -6.78
C ASN A 159 9.30 8.50 -5.48
N ALA A 160 8.07 8.64 -5.00
CA ALA A 160 7.66 8.03 -3.73
C ALA A 160 7.37 6.54 -3.87
N GLY A 161 7.25 6.06 -5.11
CA GLY A 161 6.79 4.71 -5.35
C GLY A 161 5.29 4.74 -5.54
N GLY A 162 4.69 3.60 -5.85
CA GLY A 162 3.25 3.55 -6.13
C GLY A 162 2.73 2.13 -6.08
N SER A 163 1.42 1.95 -6.25
CA SER A 163 0.54 3.05 -6.61
C SER A 163 0.03 3.93 -5.45
N SER A 164 0.27 3.52 -4.20
CA SER A 164 -0.15 4.33 -3.05
C SER A 164 0.92 5.36 -2.63
N GLY A 165 1.46 6.09 -3.60
CA GLY A 165 2.59 6.97 -3.34
C GLY A 165 2.25 8.19 -2.51
N GLY A 166 1.09 8.79 -2.77
CA GLY A 166 0.62 9.91 -1.97
C GLY A 166 0.44 9.52 -0.51
N ALA A 167 -0.12 8.34 -0.28
CA ALA A 167 -0.30 7.81 1.09
C ALA A 167 1.04 7.70 1.82
N ALA A 168 2.02 7.05 1.19
CA ALA A 168 3.29 6.82 1.85
C ALA A 168 4.04 8.13 2.08
N ALA A 169 3.95 9.05 1.11
CA ALA A 169 4.69 10.30 1.20
C ALA A 169 4.22 11.14 2.38
N LEU A 170 2.91 11.20 2.61
CA LEU A 170 2.38 11.95 3.75
C LEU A 170 2.82 11.34 5.07
N VAL A 171 2.80 10.01 5.15
CA VAL A 171 3.17 9.33 6.38
C VAL A 171 4.67 9.49 6.63
N ALA A 172 5.49 9.34 5.59
CA ALA A 172 6.93 9.43 5.76
C ALA A 172 7.39 10.86 6.08
N ASP A 173 6.55 11.85 5.74
CA ASP A 173 6.89 13.24 6.01
C ASP A 173 6.29 13.72 7.32
N GLY A 174 5.66 12.81 8.05
CA GLY A 174 5.13 13.08 9.39
C GLY A 174 3.77 13.76 9.45
N ILE A 175 3.09 13.91 8.31
CA ILE A 175 1.91 14.77 8.21
C ILE A 175 0.66 14.09 8.80
N VAL A 176 0.49 12.81 8.52
CA VAL A 176 -0.51 11.98 9.21
C VAL A 176 0.18 10.69 9.66
N PRO A 177 -0.34 10.04 10.71
CA PRO A 177 0.32 8.84 11.25
C PRO A 177 -0.06 7.55 10.52
N VAL A 178 -1.14 7.61 9.76
CA VAL A 178 -1.60 6.44 9.01
C VAL A 178 -2.30 6.92 7.75
N ALA A 179 -2.14 6.18 6.65
CA ALA A 179 -2.87 6.47 5.42
C ALA A 179 -3.30 5.17 4.77
N GLY A 180 -4.37 5.20 3.99
CA GLY A 180 -4.88 3.99 3.38
C GLY A 180 -4.27 3.72 2.02
N GLY A 181 -3.95 2.46 1.78
CA GLY A 181 -3.44 2.03 0.49
C GLY A 181 -4.28 0.90 -0.06
N THR A 182 -4.16 0.65 -1.36
CA THR A 182 -4.75 -0.54 -1.95
C THR A 182 -3.62 -1.27 -2.66
N ASP A 183 -3.79 -2.55 -2.95
CA ASP A 183 -2.64 -3.37 -3.32
C ASP A 183 -3.10 -4.48 -4.26
N GLY A 184 -2.65 -4.42 -5.52
CA GLY A 184 -2.99 -5.42 -6.51
C GLY A 184 -1.74 -6.09 -7.07
N GLY A 185 -0.60 -5.42 -6.88
CA GLY A 185 0.70 -5.94 -7.29
C GLY A 185 1.78 -5.51 -6.31
N GLY A 186 1.36 -4.92 -5.19
CA GLY A 186 2.29 -4.48 -4.17
C GLY A 186 2.10 -3.05 -3.68
N ALA A 187 1.01 -2.39 -4.06
CA ALA A 187 0.92 -0.95 -3.88
C ALA A 187 0.85 -0.44 -2.43
N ILE A 188 0.62 -1.30 -1.45
CA ILE A 188 0.75 -0.89 -0.05
C ILE A 188 2.23 -0.92 0.35
N ARG A 189 2.96 -1.86 -0.25
CA ARG A 189 4.28 -2.23 0.22
C ARG A 189 5.39 -1.54 -0.57
N ILE A 190 5.16 -1.37 -1.87
CA ILE A 190 6.15 -0.71 -2.76
C ILE A 190 6.51 0.71 -2.30
N PRO A 191 5.50 1.60 -2.13
CA PRO A 191 5.92 2.94 -1.70
C PRO A 191 6.38 2.98 -0.24
N ALA A 192 5.94 2.03 0.59
CA ALA A 192 6.42 1.95 1.96
C ALA A 192 7.94 1.70 1.95
N ALA A 193 8.38 0.74 1.13
CA ALA A 193 9.80 0.41 1.03
C ALA A 193 10.63 1.63 0.60
N TRP A 194 10.13 2.39 -0.37
CA TRP A 194 10.90 3.53 -0.85
C TRP A 194 10.83 4.77 0.05
N THR A 195 10.00 4.74 1.08
CA THR A 195 9.85 5.92 1.94
C THR A 195 10.08 5.66 3.43
N ASN A 196 10.69 4.52 3.77
CA ASN A 196 11.03 4.23 5.17
C ASN A 196 9.78 4.14 6.03
N THR A 197 8.71 3.59 5.47
CA THR A 197 7.49 3.40 6.27
C THR A 197 7.08 1.93 6.28
N TYR A 198 6.13 1.63 7.14
CA TYR A 198 5.68 0.26 7.34
C TYR A 198 4.37 0.05 6.59
N GLY A 199 4.37 -0.88 5.64
CA GLY A 199 3.17 -1.12 4.83
C GLY A 199 2.66 -2.52 5.08
N PHE A 200 1.42 -2.64 5.58
CA PHE A 200 0.87 -3.94 5.97
C PHE A 200 -0.19 -4.42 4.98
N GLN A 201 0.10 -5.54 4.33
CA GLN A 201 -0.82 -6.15 3.37
C GLN A 201 -1.42 -7.41 4.02
N PRO A 202 -2.72 -7.35 4.40
CA PRO A 202 -3.32 -8.46 5.14
C PRO A 202 -3.56 -9.72 4.30
N SER A 203 -3.81 -10.84 4.97
CA SER A 203 -4.26 -12.06 4.29
C SER A 203 -5.50 -11.80 3.43
N ILE A 204 -5.64 -12.52 2.32
CA ILE A 204 -6.88 -12.39 1.54
C ILE A 204 -8.07 -12.76 2.42
N GLY A 205 -9.10 -11.91 2.38
CA GLY A 205 -10.29 -12.11 3.20
C GLY A 205 -10.24 -11.50 4.59
N ARG A 206 -9.08 -10.99 5.01
CA ARG A 206 -8.95 -10.38 6.33
C ARG A 206 -9.66 -9.02 6.41
N VAL A 207 -9.47 -8.19 5.38
CA VAL A 207 -10.14 -6.89 5.28
C VAL A 207 -11.10 -6.93 4.07
N PRO A 208 -12.37 -6.56 4.28
CA PRO A 208 -13.37 -6.60 3.20
C PRO A 208 -12.91 -5.84 1.97
N PHE A 209 -13.00 -6.46 0.80
CA PHE A 209 -12.76 -5.74 -0.44
C PHE A 209 -14.00 -5.89 -1.32
N LYS A 210 -14.60 -4.77 -1.70
CA LYS A 210 -15.80 -4.80 -2.53
C LYS A 210 -15.46 -4.57 -4.00
N SER A 211 -15.58 -5.62 -4.81
CA SER A 211 -15.44 -5.50 -6.25
C SER A 211 -16.81 -5.69 -6.90
N ARG A 212 -17.32 -4.63 -7.51
CA ARG A 212 -18.60 -4.70 -8.22
C ARG A 212 -18.45 -3.94 -9.53
N PRO A 213 -19.21 -4.31 -10.56
CA PRO A 213 -20.30 -5.31 -10.58
C PRO A 213 -19.84 -6.77 -10.62
N ASN A 214 -18.54 -7.03 -10.75
CA ASN A 214 -18.06 -8.40 -10.84
C ASN A 214 -17.17 -8.79 -9.64
N ALA A 215 -17.71 -9.59 -8.72
CA ALA A 215 -16.97 -10.03 -7.53
C ALA A 215 -16.13 -11.27 -7.81
N PHE A 216 -16.30 -11.83 -9.01
CA PHE A 216 -15.66 -13.09 -9.37
C PHE A 216 -14.76 -12.90 -10.59
N HIS A 217 -14.04 -11.78 -10.60
CA HIS A 217 -13.18 -11.39 -11.70
C HIS A 217 -11.88 -12.19 -11.71
N PRO A 218 -11.17 -12.19 -12.85
CA PRO A 218 -9.96 -13.00 -12.95
C PRO A 218 -8.68 -12.27 -12.52
N GLY A 219 -8.81 -11.16 -11.80
CA GLY A 219 -7.63 -10.42 -11.38
C GLY A 219 -6.87 -11.10 -10.26
N PRO A 220 -5.72 -10.52 -9.88
CA PRO A 220 -5.02 -11.00 -8.70
C PRO A 220 -5.80 -10.65 -7.44
N TYR A 221 -5.37 -11.16 -6.30
CA TYR A 221 -5.93 -10.74 -5.05
C TYR A 221 -5.69 -9.24 -4.86
N LEU A 222 -6.73 -8.53 -4.45
CA LEU A 222 -6.68 -7.10 -4.16
C LEU A 222 -6.86 -6.88 -2.68
N TYR A 223 -6.05 -6.00 -2.10
CA TYR A 223 -6.10 -5.73 -0.67
C TYR A 223 -6.27 -4.24 -0.35
N GLU A 224 -6.95 -3.93 0.76
CA GLU A 224 -6.83 -2.60 1.38
C GLU A 224 -6.06 -2.75 2.71
N GLY A 225 -5.20 -1.79 3.04
CA GLY A 225 -4.38 -1.86 4.24
C GLY A 225 -3.69 -0.56 4.56
N PRO A 226 -3.11 -0.46 5.77
CA PRO A 226 -2.50 0.78 6.25
C PRO A 226 -1.01 0.93 5.91
N ILE A 227 -0.59 2.18 5.78
CA ILE A 227 0.81 2.58 5.78
C ILE A 227 1.04 3.47 6.99
N THR A 228 2.02 3.11 7.83
CA THR A 228 2.27 3.81 9.10
C THR A 228 3.77 4.01 9.34
N ARG A 229 4.12 4.72 10.40
CA ARG A 229 5.52 4.83 10.80
C ARG A 229 5.88 3.82 11.90
N THR A 230 4.89 3.33 12.63
CA THR A 230 5.13 2.31 13.66
C THR A 230 4.26 1.07 13.43
N VAL A 231 4.75 -0.06 13.90
CA VAL A 231 4.00 -1.30 13.78
C VAL A 231 2.76 -1.26 14.69
N ARG A 232 2.88 -0.64 15.86
CA ARG A 232 1.72 -0.47 16.75
C ARG A 232 0.57 0.27 16.05
N ASP A 233 0.90 1.32 15.31
CA ASP A 233 -0.16 2.07 14.62
C ASP A 233 -0.81 1.19 13.57
N ALA A 234 -0.02 0.34 12.92
CA ALA A 234 -0.59 -0.56 11.93
C ALA A 234 -1.51 -1.59 12.60
N ALA A 235 -1.11 -2.08 13.76
CA ALA A 235 -1.93 -3.01 14.50
C ALA A 235 -3.24 -2.35 14.91
N LEU A 236 -3.19 -1.10 15.36
CA LEU A 236 -4.42 -0.40 15.74
C LEU A 236 -5.35 -0.24 14.53
N ALA A 237 -4.79 0.17 13.40
CA ALA A 237 -5.57 0.35 12.18
C ALA A 237 -6.16 -0.99 11.73
N MET A 238 -5.39 -2.07 11.85
CA MET A 238 -5.87 -3.39 11.46
C MET A 238 -6.99 -3.89 12.37
N ASN A 239 -6.95 -3.54 13.65
CA ASN A 239 -8.07 -3.88 14.52
C ASN A 239 -9.39 -3.26 14.04
N VAL A 240 -9.29 -2.07 13.45
CA VAL A 240 -10.45 -1.40 12.88
C VAL A 240 -10.85 -1.98 11.52
N LEU A 241 -9.85 -2.22 10.66
CA LEU A 241 -10.13 -2.56 9.27
C LEU A 241 -10.59 -4.01 9.08
N HIS A 242 -10.04 -4.95 9.85
CA HIS A 242 -10.36 -6.36 9.58
C HIS A 242 -11.76 -6.70 10.06
N GLY A 243 -12.32 -7.77 9.50
CA GLY A 243 -13.58 -8.27 9.99
C GLY A 243 -14.51 -8.76 8.89
N PHE A 244 -15.43 -9.64 9.28
CA PHE A 244 -16.36 -10.28 8.36
C PHE A 244 -17.27 -9.28 7.61
N ASP A 245 -17.45 -9.52 6.32
CA ASP A 245 -18.44 -8.82 5.50
C ASP A 245 -18.94 -9.82 4.47
N ARG A 246 -20.21 -10.20 4.57
CA ARG A 246 -20.73 -11.26 3.72
C ARG A 246 -20.65 -10.89 2.22
N ARG A 247 -20.55 -9.58 1.91
CA ARG A 247 -20.50 -9.16 0.51
C ARG A 247 -19.13 -9.28 -0.18
N ASP A 248 -18.10 -9.70 0.57
CA ASP A 248 -16.80 -10.06 -0.03
C ASP A 248 -16.70 -11.60 -0.01
N PRO A 249 -16.66 -12.22 -1.20
CA PRO A 249 -16.72 -13.68 -1.31
C PRO A 249 -15.52 -14.39 -0.69
N ALA A 250 -14.48 -13.65 -0.34
CA ALA A 250 -13.33 -14.25 0.33
C ALA A 250 -13.31 -14.00 1.83
N SER A 251 -14.31 -13.28 2.33
CA SER A 251 -14.27 -12.79 3.71
C SER A 251 -14.18 -13.89 4.78
N LEU A 252 -13.28 -13.67 5.75
CA LEU A 252 -13.08 -14.59 6.86
C LEU A 252 -13.95 -14.18 8.05
N ARG A 253 -14.73 -15.12 8.58
CA ARG A 253 -15.59 -14.79 9.72
C ARG A 253 -14.81 -15.02 11.03
N VAL A 254 -13.81 -14.17 11.26
CA VAL A 254 -12.82 -14.33 12.31
C VAL A 254 -12.55 -12.96 12.95
N LYS A 255 -12.48 -12.91 14.29
CA LYS A 255 -12.10 -11.70 15.02
C LYS A 255 -10.73 -11.85 15.69
N LEU A 256 -9.84 -10.89 15.43
CA LEU A 256 -8.48 -10.90 15.97
C LEU A 256 -8.19 -9.63 16.78
N ASP A 257 -7.19 -9.71 17.67
CA ASP A 257 -6.62 -8.51 18.28
C ASP A 257 -5.17 -8.40 17.80
N PHE A 258 -4.93 -7.51 16.85
CA PHE A 258 -3.59 -7.39 16.26
C PHE A 258 -2.57 -6.85 17.27
N THR A 259 -3.03 -6.13 18.31
CA THR A 259 -2.07 -5.56 19.27
C THR A 259 -1.50 -6.65 20.16
N SER A 260 -2.19 -7.79 20.23
CA SER A 260 -1.76 -8.87 21.08
C SER A 260 -0.44 -9.51 20.59
N ALA A 261 -0.09 -9.25 19.33
CA ALA A 261 1.12 -9.85 18.75
C ALA A 261 2.37 -8.99 18.95
N LEU A 262 2.20 -7.73 19.33
CA LEU A 262 3.32 -6.80 19.34
C LEU A 262 4.44 -7.23 20.29
N ALA A 263 4.10 -7.84 21.41
CA ALA A 263 5.11 -8.25 22.39
C ALA A 263 5.50 -9.74 22.30
N GLN A 264 5.06 -10.42 21.25
CA GLN A 264 5.25 -11.87 21.17
C GLN A 264 6.71 -12.29 20.93
N GLY A 265 7.43 -11.51 20.13
CA GLY A 265 8.79 -11.88 19.75
C GLY A 265 8.81 -13.01 18.72
N VAL A 266 10.00 -13.52 18.42
CA VAL A 266 10.15 -14.53 17.38
C VAL A 266 11.04 -15.68 17.84
N ARG A 267 11.22 -15.83 19.14
CA ARG A 267 12.16 -16.85 19.63
C ARG A 267 11.69 -18.24 19.22
N GLY A 268 12.58 -18.99 18.59
CA GLY A 268 12.28 -20.36 18.19
C GLY A 268 11.66 -20.49 16.82
N LYS A 269 11.32 -19.36 16.20
CA LYS A 269 10.69 -19.38 14.89
C LYS A 269 11.69 -19.83 13.82
N LYS A 270 11.18 -20.57 12.84
CA LYS A 270 11.98 -21.00 11.71
C LYS A 270 11.72 -20.04 10.57
N ILE A 271 12.77 -19.36 10.13
CA ILE A 271 12.61 -18.31 9.14
C ILE A 271 13.41 -18.61 7.88
N GLY A 272 12.73 -18.60 6.73
CA GLY A 272 13.39 -18.77 5.44
C GLY A 272 13.78 -17.42 4.85
N LEU A 273 14.91 -17.39 4.14
CA LEU A 273 15.41 -16.16 3.54
C LEU A 273 15.65 -16.35 2.05
N THR A 274 15.23 -15.38 1.25
CA THR A 274 15.57 -15.38 -0.17
C THR A 274 15.97 -13.97 -0.57
N LEU A 275 16.97 -13.85 -1.44
CA LEU A 275 17.39 -12.53 -1.87
C LEU A 275 16.76 -12.12 -3.20
N ASN A 276 16.14 -13.07 -3.91
CA ASN A 276 15.60 -12.77 -5.22
C ASN A 276 14.51 -13.74 -5.69
N TYR A 277 13.97 -14.52 -4.75
CA TYR A 277 12.99 -15.58 -5.07
C TYR A 277 13.48 -16.52 -6.16
N GLY A 278 14.79 -16.56 -6.38
CA GLY A 278 15.39 -17.41 -7.39
C GLY A 278 15.17 -17.00 -8.83
N VAL A 279 14.47 -15.90 -9.06
CA VAL A 279 14.10 -15.51 -10.42
C VAL A 279 14.26 -14.03 -10.80
N PHE A 280 14.39 -13.12 -9.83
CA PHE A 280 14.52 -11.68 -10.14
C PHE A 280 15.95 -11.18 -10.13
N PRO A 281 16.27 -10.22 -11.01
CA PRO A 281 17.53 -9.48 -10.88
C PRO A 281 17.40 -8.41 -9.81
N VAL A 282 18.25 -8.46 -8.78
CA VAL A 282 18.13 -7.54 -7.66
C VAL A 282 19.43 -6.79 -7.47
N GLN A 283 19.34 -5.46 -7.33
CA GLN A 283 20.55 -4.64 -7.11
C GLN A 283 21.35 -5.16 -5.91
N GLN A 284 22.66 -5.30 -6.11
CA GLN A 284 23.52 -5.92 -5.13
C GLN A 284 23.44 -5.25 -3.75
N GLU A 285 23.37 -3.94 -3.73
CA GLU A 285 23.32 -3.21 -2.46
C GLU A 285 22.07 -3.58 -1.64
N ILE A 286 20.99 -3.88 -2.34
CA ILE A 286 19.76 -4.30 -1.69
C ILE A 286 19.93 -5.71 -1.14
N GLN A 287 20.50 -6.60 -1.93
CA GLN A 287 20.79 -7.94 -1.45
C GLN A 287 21.62 -7.91 -0.18
N ASP A 288 22.64 -7.06 -0.14
CA ASP A 288 23.53 -6.99 1.01
C ASP A 288 22.80 -6.47 2.25
N LEU A 289 21.98 -5.45 2.06
CA LEU A 289 21.22 -4.86 3.17
C LEU A 289 20.26 -5.89 3.79
N ILE A 290 19.59 -6.66 2.94
CA ILE A 290 18.66 -7.68 3.40
C ILE A 290 19.38 -8.83 4.10
N GLY A 291 20.56 -9.20 3.61
CA GLY A 291 21.39 -10.18 4.29
C GLY A 291 21.73 -9.75 5.71
N LYS A 292 21.99 -8.46 5.89
CA LYS A 292 22.25 -7.93 7.23
C LYS A 292 20.97 -7.91 8.07
N ALA A 293 19.88 -7.46 7.47
CA ALA A 293 18.61 -7.37 8.18
C ALA A 293 18.17 -8.74 8.71
N ALA A 294 18.40 -9.79 7.91
CA ALA A 294 17.99 -11.12 8.30
C ALA A 294 18.70 -11.58 9.56
N ARG A 295 19.92 -11.10 9.76
CA ARG A 295 20.71 -11.53 10.91
C ARG A 295 20.20 -10.92 12.20
N VAL A 296 19.40 -9.88 12.09
CA VAL A 296 18.77 -9.30 13.28
C VAL A 296 17.88 -10.35 13.94
N PHE A 297 17.22 -11.16 13.13
CA PHE A 297 16.34 -12.19 13.69
C PHE A 297 17.13 -13.31 14.40
N THR A 298 18.36 -13.55 13.98
CA THR A 298 19.17 -14.59 14.60
C THR A 298 19.60 -14.16 16.01
N GLU A 299 19.82 -12.87 16.21
CA GLU A 299 20.13 -12.32 17.54
C GLU A 299 18.90 -12.37 18.45
N LEU A 300 17.72 -12.47 17.85
CA LEU A 300 16.48 -12.49 18.61
C LEU A 300 15.99 -13.90 18.95
N GLY A 301 16.77 -14.91 18.59
CA GLY A 301 16.41 -16.28 18.95
C GLY A 301 15.69 -17.08 17.88
N ALA A 302 15.56 -16.50 16.69
CA ALA A 302 15.00 -17.22 15.55
C ALA A 302 16.09 -17.95 14.78
N HIS A 303 15.69 -18.98 14.04
CA HIS A 303 16.62 -19.73 13.20
C HIS A 303 16.40 -19.36 11.73
N VAL A 304 17.40 -18.74 11.11
CA VAL A 304 17.24 -18.23 9.76
C VAL A 304 18.11 -19.03 8.81
N GLU A 305 17.55 -19.46 7.67
CA GLU A 305 18.39 -20.06 6.62
C GLU A 305 17.88 -19.75 5.22
N PHE A 306 18.76 -19.81 4.24
CA PHE A 306 18.38 -19.53 2.86
C PHE A 306 17.47 -20.63 2.33
N VAL A 307 16.46 -20.23 1.55
CA VAL A 307 15.56 -21.20 0.93
C VAL A 307 15.40 -20.97 -0.55
N ASP A 308 15.12 -22.04 -1.29
CA ASP A 308 14.86 -21.98 -2.72
C ASP A 308 13.39 -22.31 -2.97
N LEU A 309 12.64 -21.36 -3.51
CA LEU A 309 11.21 -21.58 -3.76
C LEU A 309 10.97 -22.53 -4.93
N GLY A 310 11.90 -22.59 -5.87
CA GLY A 310 11.79 -23.48 -7.00
C GLY A 310 10.78 -23.04 -8.05
N ILE A 311 10.58 -21.73 -8.19
CA ILE A 311 9.65 -21.22 -9.21
C ILE A 311 10.16 -21.52 -10.61
N PRO A 312 9.38 -22.25 -11.41
CA PRO A 312 9.84 -22.73 -12.72
C PRO A 312 9.59 -21.75 -13.87
N TYR A 313 8.99 -20.61 -13.58
CA TYR A 313 8.73 -19.60 -14.59
C TYR A 313 9.78 -18.49 -14.54
N SER A 314 9.99 -17.80 -15.66
CA SER A 314 10.87 -16.63 -15.66
C SER A 314 10.14 -15.44 -15.08
N GLN A 315 10.90 -14.43 -14.65
CA GLN A 315 10.25 -13.27 -14.05
C GLN A 315 9.43 -12.51 -15.11
N LYS A 316 9.85 -12.59 -16.37
CA LYS A 316 9.06 -11.97 -17.45
C LYS A 316 7.73 -12.68 -17.68
N GLN A 317 7.74 -14.02 -17.59
CA GLN A 317 6.50 -14.77 -17.71
C GLN A 317 5.53 -14.37 -16.61
N MET A 318 6.06 -14.23 -15.40
CA MET A 318 5.20 -13.87 -14.27
C MET A 318 4.67 -12.43 -14.34
N SER A 319 5.51 -11.46 -14.71
CA SER A 319 5.01 -10.07 -14.82
C SER A 319 4.01 -9.94 -15.97
N ASP A 320 4.25 -10.64 -17.08
CA ASP A 320 3.30 -10.64 -18.18
C ASP A 320 1.93 -11.17 -17.72
N ALA A 321 1.95 -12.25 -16.95
CA ALA A 321 0.72 -12.83 -16.43
C ALA A 321 -0.01 -11.85 -15.52
N TRP A 322 0.75 -11.16 -14.66
CA TRP A 322 0.14 -10.18 -13.75
C TRP A 322 -0.52 -9.04 -14.54
N CYS A 323 0.18 -8.51 -15.53
CA CYS A 323 -0.36 -7.46 -16.38
C CYS A 323 -1.65 -7.88 -17.08
N ARG A 324 -1.73 -9.11 -17.57
CA ARG A 324 -2.95 -9.54 -18.20
C ARG A 324 -4.10 -9.69 -17.19
N MET A 325 -3.78 -10.24 -16.02
CA MET A 325 -4.77 -10.40 -14.95
C MET A 325 -5.38 -9.08 -14.49
N ILE A 326 -4.55 -8.05 -14.34
CA ILE A 326 -5.02 -6.72 -13.95
C ILE A 326 -5.73 -6.00 -15.11
N ALA A 327 -5.28 -6.26 -16.33
CA ALA A 327 -5.85 -5.62 -17.51
C ALA A 327 -7.29 -6.02 -17.78
N ILE A 328 -7.68 -7.26 -17.47
CA ILE A 328 -9.04 -7.68 -17.80
C ILE A 328 -10.09 -6.86 -17.01
N PRO A 329 -9.97 -6.74 -15.68
CA PRO A 329 -10.92 -5.82 -15.03
C PRO A 329 -10.73 -4.35 -15.39
N THR A 330 -9.53 -3.93 -15.79
CA THR A 330 -9.29 -2.57 -16.24
C THR A 330 -10.09 -2.29 -17.52
N VAL A 331 -10.06 -3.25 -18.43
CA VAL A 331 -10.86 -3.17 -19.66
C VAL A 331 -12.35 -3.12 -19.35
N ALA A 332 -12.80 -3.94 -18.40
CA ALA A 332 -14.21 -3.93 -18.01
C ALA A 332 -14.62 -2.54 -17.54
N SER A 333 -13.77 -1.88 -16.77
CA SER A 333 -14.01 -0.52 -16.30
C SER A 333 -14.05 0.49 -17.45
N MET A 334 -13.10 0.37 -18.37
CA MET A 334 -13.07 1.28 -19.53
C MET A 334 -14.29 1.12 -20.44
N GLN A 335 -14.73 -0.12 -20.65
CA GLN A 335 -15.93 -0.37 -21.45
C GLN A 335 -17.18 0.20 -20.78
N ALA A 336 -17.24 0.07 -19.45
CA ALA A 336 -18.38 0.56 -18.68
C ALA A 336 -18.46 2.09 -18.75
N LEU A 337 -17.30 2.73 -18.63
CA LEU A 337 -17.21 4.18 -18.69
C LEU A 337 -17.61 4.69 -20.07
N ARG A 338 -17.16 4.00 -21.12
CA ARG A 338 -17.51 4.42 -22.48
C ARG A 338 -19.03 4.38 -22.66
N LYS A 339 -19.67 3.35 -22.12
CA LYS A 339 -21.13 3.26 -22.18
C LYS A 339 -21.83 4.39 -21.44
N GLU A 340 -21.15 4.96 -20.44
CA GLU A 340 -21.75 6.07 -19.69
C GLU A 340 -21.30 7.42 -20.21
N GLY A 341 -20.64 7.43 -21.37
CA GLY A 341 -20.33 8.69 -22.04
C GLY A 341 -18.94 9.25 -21.82
N ILE A 342 -18.06 8.46 -21.21
CA ILE A 342 -16.66 8.88 -21.04
C ILE A 342 -15.77 7.91 -21.79
N ASP A 343 -15.35 8.31 -23.00
CA ASP A 343 -14.69 7.40 -23.92
C ASP A 343 -13.16 7.51 -23.84
N LEU A 344 -12.54 6.56 -23.15
CA LEU A 344 -11.10 6.57 -22.96
C LEU A 344 -10.39 5.86 -24.10
N TYR A 345 -11.16 5.25 -24.98
CA TYR A 345 -10.60 4.62 -26.18
C TYR A 345 -10.46 5.64 -27.31
N GLY A 346 -11.43 6.55 -27.39
CA GLY A 346 -11.48 7.52 -28.47
C GLY A 346 -11.12 8.92 -28.01
N GLU A 347 -12.16 9.69 -27.68
CA GLU A 347 -12.01 11.11 -27.36
C GLU A 347 -10.94 11.42 -26.33
N HIS A 348 -10.92 10.65 -25.24
CA HIS A 348 -10.01 10.91 -24.14
C HIS A 348 -8.84 9.93 -24.07
N ARG A 349 -8.48 9.37 -25.22
CA ARG A 349 -7.39 8.38 -25.27
C ARG A 349 -6.09 8.91 -24.67
N ALA A 350 -5.87 10.21 -24.74
CA ALA A 350 -4.65 10.83 -24.22
C ALA A 350 -4.50 10.63 -22.71
N ASP A 351 -5.61 10.34 -22.02
CA ASP A 351 -5.57 10.22 -20.57
C ASP A 351 -4.97 8.87 -20.13
N ILE A 352 -4.84 7.95 -21.07
CA ILE A 352 -4.29 6.62 -20.80
C ILE A 352 -2.87 6.48 -21.31
N PRO A 353 -1.92 6.13 -20.42
CA PRO A 353 -0.52 5.91 -20.82
C PRO A 353 -0.40 4.83 -21.90
N ASP A 354 0.52 5.03 -22.85
CA ASP A 354 0.73 4.05 -23.92
C ASP A 354 1.06 2.66 -23.37
N ALA A 355 1.89 2.61 -22.34
CA ALA A 355 2.30 1.34 -21.74
C ALA A 355 1.10 0.56 -21.21
N LEU A 356 0.10 1.30 -20.72
CA LEU A 356 -1.13 0.66 -20.24
C LEU A 356 -2.00 0.22 -21.41
N MET A 357 -2.13 1.08 -22.42
CA MET A 357 -2.98 0.76 -23.57
C MET A 357 -2.48 -0.49 -24.29
N LYS A 358 -1.18 -0.74 -24.25
CA LYS A 358 -0.62 -1.97 -24.78
C LYS A 358 -1.32 -3.20 -24.18
N TRP A 359 -1.52 -3.19 -22.88
CA TRP A 359 -2.15 -4.33 -22.20
C TRP A 359 -3.67 -4.33 -22.40
N ILE A 360 -4.26 -3.13 -22.48
CA ILE A 360 -5.68 -3.01 -22.75
C ILE A 360 -6.02 -3.64 -24.10
N ASP A 361 -5.19 -3.37 -25.10
CA ASP A 361 -5.38 -3.94 -26.43
C ASP A 361 -5.10 -5.43 -26.43
N ALA A 362 -4.08 -5.84 -25.68
CA ALA A 362 -3.66 -7.24 -25.65
C ALA A 362 -4.73 -8.18 -25.11
N VAL A 363 -5.56 -7.72 -24.16
CA VAL A 363 -6.53 -8.64 -23.59
C VAL A 363 -7.95 -8.41 -24.11
N ALA A 364 -8.11 -7.48 -25.05
CA ALA A 364 -9.44 -7.16 -25.59
C ALA A 364 -10.22 -8.41 -26.03
N ASP A 365 -9.53 -9.31 -26.73
CA ASP A 365 -10.14 -10.59 -27.09
C ASP A 365 -9.23 -11.73 -26.67
N ILE A 366 -8.80 -11.66 -25.41
CA ILE A 366 -7.93 -12.69 -24.86
C ILE A 366 -8.62 -14.05 -24.94
N SER A 367 -7.85 -15.08 -25.29
CA SER A 367 -8.42 -16.42 -25.43
C SER A 367 -8.52 -17.12 -24.08
N VAL A 368 -9.43 -18.09 -24.00
CA VAL A 368 -9.61 -18.87 -22.79
C VAL A 368 -8.34 -19.67 -22.50
N GLN A 369 -7.61 -20.05 -23.56
CA GLN A 369 -6.34 -20.74 -23.41
C GLN A 369 -5.32 -19.86 -22.69
N GLN A 370 -5.27 -18.59 -23.06
CA GLN A 370 -4.34 -17.66 -22.40
C GLN A 370 -4.74 -17.41 -20.94
N ILE A 371 -6.03 -17.21 -20.71
CA ILE A 371 -6.54 -17.03 -19.35
C ILE A 371 -6.13 -18.22 -18.49
N SER A 372 -6.36 -19.42 -19.03
CA SER A 372 -6.01 -20.66 -18.37
C SER A 372 -4.50 -20.80 -18.08
N ALA A 373 -3.67 -20.44 -19.05
CA ALA A 373 -2.22 -20.53 -18.85
C ALA A 373 -1.78 -19.64 -17.70
N ASP A 374 -2.42 -18.48 -17.56
CA ASP A 374 -2.04 -17.55 -16.49
C ASP A 374 -2.50 -18.08 -15.13
N GLN A 375 -3.66 -18.75 -15.12
CA GLN A 375 -4.18 -19.35 -13.89
C GLN A 375 -3.30 -20.51 -13.42
N LEU A 376 -2.76 -21.26 -14.39
CA LEU A 376 -1.82 -22.34 -14.07
C LEU A 376 -0.52 -21.78 -13.48
N LEU A 377 0.00 -20.70 -14.06
CA LEU A 377 1.17 -20.02 -13.51
C LEU A 377 0.91 -19.57 -12.07
N ARG A 378 -0.24 -18.92 -11.87
CA ARG A 378 -0.64 -18.45 -10.55
C ARG A 378 -0.68 -19.61 -9.55
N THR A 379 -1.25 -20.73 -9.96
CA THR A 379 -1.34 -21.93 -9.12
C THR A 379 0.05 -22.42 -8.74
N THR A 380 0.95 -22.44 -9.72
CA THR A 380 2.33 -22.87 -9.49
C THR A 380 3.03 -21.98 -8.47
N VAL A 381 2.87 -20.66 -8.59
CA VAL A 381 3.49 -19.74 -7.65
C VAL A 381 2.91 -19.90 -6.24
N PHE A 382 1.59 -20.06 -6.18
CA PHE A 382 0.87 -20.35 -4.93
C PHE A 382 1.45 -21.60 -4.26
N ASP A 383 1.66 -22.65 -5.02
CA ASP A 383 2.18 -23.89 -4.46
C ASP A 383 3.65 -23.76 -4.05
N CYS A 384 4.40 -22.93 -4.77
CA CYS A 384 5.80 -22.71 -4.40
C CYS A 384 5.88 -22.00 -3.07
N MET A 385 5.01 -21.01 -2.87
CA MET A 385 4.90 -20.33 -1.58
C MET A 385 4.51 -21.30 -0.47
N ASN A 386 3.52 -22.14 -0.75
CA ASN A 386 3.03 -23.09 0.23
C ASN A 386 4.10 -24.10 0.62
N GLY A 387 4.98 -24.42 -0.32
CA GLY A 387 6.09 -25.31 -0.05
C GLY A 387 7.01 -24.76 1.01
N VAL A 388 7.17 -23.43 1.05
CA VAL A 388 7.98 -22.81 2.09
C VAL A 388 7.30 -22.97 3.45
N PHE A 389 6.00 -22.69 3.50
CA PHE A 389 5.29 -22.69 4.77
C PHE A 389 4.93 -24.09 5.27
N ASP A 390 5.24 -25.10 4.48
CA ASP A 390 5.23 -26.47 4.97
C ASP A 390 6.33 -26.68 6.03
N ARG A 391 7.41 -25.91 5.95
CA ARG A 391 8.58 -26.13 6.78
C ARG A 391 9.02 -24.92 7.62
N PHE A 392 8.63 -23.72 7.18
CA PHE A 392 9.03 -22.48 7.85
C PHE A 392 7.83 -21.69 8.37
N ASP A 393 8.10 -20.88 9.40
CA ASP A 393 7.12 -19.99 10.01
C ASP A 393 6.99 -18.67 9.24
N LEU A 394 8.10 -18.20 8.69
CA LEU A 394 8.16 -16.90 8.04
C LEU A 394 9.11 -16.93 6.86
N LEU A 395 8.89 -16.02 5.90
CA LEU A 395 9.79 -15.87 4.76
C LEU A 395 10.21 -14.41 4.66
N LEU A 396 11.51 -14.19 4.52
CA LEU A 396 12.08 -12.84 4.35
C LEU A 396 12.62 -12.68 2.94
N ALA A 397 12.44 -11.48 2.38
CA ALA A 397 12.91 -11.17 1.04
C ALA A 397 13.06 -9.66 0.96
N PRO A 398 13.81 -9.16 -0.04
CA PRO A 398 13.74 -7.71 -0.28
C PRO A 398 12.35 -7.36 -0.78
N THR A 399 11.81 -6.20 -0.40
CA THR A 399 10.51 -5.82 -0.93
C THR A 399 10.56 -5.59 -2.44
N LEU A 400 11.61 -4.90 -2.88
CA LEU A 400 11.76 -4.45 -4.26
C LEU A 400 13.14 -4.81 -4.80
N ALA A 401 13.24 -4.92 -6.11
CA ALA A 401 14.51 -5.29 -6.75
C ALA A 401 15.42 -4.08 -6.99
N CYS A 402 14.91 -2.86 -6.79
CA CYS A 402 15.71 -1.66 -7.05
C CYS A 402 15.35 -0.47 -6.17
N MET A 403 16.26 0.49 -6.12
CA MET A 403 16.09 1.74 -5.35
C MET A 403 15.19 2.73 -6.07
N PRO A 404 14.72 3.78 -5.37
CA PRO A 404 13.86 4.78 -6.02
C PRO A 404 14.42 5.34 -7.31
N VAL A 405 13.51 5.63 -8.25
CA VAL A 405 13.87 6.21 -9.52
C VAL A 405 13.61 7.73 -9.50
N ARG A 406 14.27 8.44 -10.41
CA ARG A 406 14.04 9.88 -10.53
C ARG A 406 12.71 10.13 -11.20
N ASN A 407 12.01 11.18 -10.77
CA ASN A 407 10.78 11.59 -11.42
C ASN A 407 11.04 11.98 -12.86
N ALA A 408 10.14 11.62 -13.75
CA ALA A 408 10.16 12.11 -15.13
C ALA A 408 9.39 13.42 -15.18
N THR A 409 9.37 14.06 -16.36
CA THR A 409 8.67 15.33 -16.51
C THR A 409 7.48 15.23 -17.46
N ASP A 410 7.17 14.02 -17.91
CA ASP A 410 6.12 13.82 -18.90
C ASP A 410 4.85 13.21 -18.29
N GLY A 411 4.84 13.05 -16.97
CA GLY A 411 3.70 12.42 -16.31
C GLY A 411 3.73 10.90 -16.35
N CYS A 412 4.84 10.32 -16.80
CA CYS A 412 4.92 8.88 -16.96
C CYS A 412 6.16 8.25 -16.33
N THR A 413 6.55 8.74 -15.15
CA THR A 413 7.63 8.13 -14.38
C THR A 413 7.39 6.62 -14.28
N GLU A 414 8.41 5.85 -14.62
CA GLU A 414 8.34 4.40 -14.50
C GLU A 414 9.61 3.85 -13.86
N GLY A 415 9.62 2.55 -13.60
CA GLY A 415 10.79 1.93 -13.02
C GLY A 415 11.83 1.67 -14.09
N PRO A 416 12.94 1.02 -13.73
CA PRO A 416 13.99 0.71 -14.71
C PRO A 416 13.53 -0.37 -15.68
N SER A 417 14.11 -0.39 -16.88
CA SER A 417 13.77 -1.42 -17.85
C SER A 417 14.85 -2.50 -17.86
N GLN A 418 15.93 -2.26 -17.12
CA GLN A 418 16.96 -3.26 -16.87
C GLN A 418 17.48 -3.17 -15.44
N ILE A 419 17.80 -4.32 -14.86
CA ILE A 419 18.56 -4.39 -13.61
C ILE A 419 19.66 -5.43 -13.81
N ASN A 420 20.89 -5.10 -13.43
CA ASN A 420 22.02 -6.00 -13.62
C ASN A 420 22.10 -6.51 -15.06
N GLY A 421 21.75 -5.66 -16.01
CA GLY A 421 21.79 -6.03 -17.42
C GLY A 421 20.69 -6.95 -17.91
N GLU A 422 19.74 -7.32 -17.04
CA GLU A 422 18.62 -8.15 -17.46
C GLU A 422 17.38 -7.28 -17.67
N GLU A 423 16.68 -7.51 -18.78
CA GLU A 423 15.46 -6.79 -19.09
C GLU A 423 14.40 -7.10 -18.04
N ILE A 424 13.65 -6.08 -17.65
CA ILE A 424 12.60 -6.27 -16.67
C ILE A 424 11.51 -5.26 -16.97
N ASP A 425 10.26 -5.66 -16.74
CA ASP A 425 9.12 -4.79 -17.04
C ASP A 425 9.19 -3.52 -16.18
N PRO A 426 9.23 -2.34 -16.82
CA PRO A 426 9.41 -1.08 -16.07
C PRO A 426 8.20 -0.72 -15.21
N LEU A 427 7.03 -1.27 -15.52
CA LEU A 427 5.82 -0.94 -14.74
C LEU A 427 5.77 -1.69 -13.42
N ILE A 428 6.02 -3.00 -13.47
CA ILE A 428 5.79 -3.86 -12.31
C ILE A 428 6.85 -4.96 -12.12
N GLY A 429 7.71 -5.18 -13.11
CA GLY A 429 8.64 -6.32 -13.04
C GLY A 429 9.57 -6.38 -11.84
N TRP A 430 9.99 -5.21 -11.38
CA TRP A 430 10.89 -5.07 -10.25
C TRP A 430 10.14 -5.06 -8.90
N CYS A 431 8.80 -5.09 -8.94
CA CYS A 431 8.02 -5.14 -7.70
C CYS A 431 7.76 -6.58 -7.30
N MET A 432 8.72 -7.18 -6.61
CA MET A 432 8.65 -8.61 -6.27
C MET A 432 7.47 -8.94 -5.35
N THR A 433 6.89 -7.89 -4.78
CA THR A 433 5.67 -7.97 -4.00
C THR A 433 4.48 -8.67 -4.68
N TYR A 434 4.43 -8.69 -6.01
CA TYR A 434 3.22 -9.17 -6.66
C TYR A 434 2.99 -10.67 -6.48
N LEU A 435 4.02 -11.38 -6.03
CA LEU A 435 3.87 -12.80 -5.74
C LEU A 435 2.74 -13.07 -4.71
N THR A 436 2.58 -12.20 -3.70
CA THR A 436 1.50 -12.43 -2.72
C THR A 436 0.12 -12.01 -3.24
N ASN A 437 0.06 -11.18 -4.29
CA ASN A 437 -1.21 -10.96 -4.97
C ASN A 437 -1.60 -12.19 -5.79
N PHE A 438 -0.62 -13.00 -6.17
CA PHE A 438 -0.92 -14.31 -6.75
C PHE A 438 -1.40 -15.28 -5.67
N SER A 439 -0.73 -15.26 -4.52
CA SER A 439 -0.83 -16.36 -3.56
C SER A 439 -1.73 -16.15 -2.34
N GLY A 440 -1.93 -14.91 -1.92
CA GLY A 440 -2.89 -14.62 -0.86
C GLY A 440 -2.31 -14.50 0.54
N HIS A 441 -1.00 -14.74 0.67
CA HIS A 441 -0.31 -14.66 1.96
C HIS A 441 -0.20 -13.24 2.48
N PRO A 442 -0.30 -13.06 3.80
CA PRO A 442 -0.11 -11.73 4.38
C PRO A 442 1.38 -11.35 4.31
N SER A 443 1.67 -10.08 4.15
CA SER A 443 3.06 -9.64 4.20
C SER A 443 3.14 -8.16 4.55
N ALA A 444 4.30 -7.77 5.08
CA ALA A 444 4.53 -6.37 5.41
C ALA A 444 5.91 -5.93 4.95
N SER A 445 6.01 -4.71 4.43
CA SER A 445 7.32 -4.14 4.16
C SER A 445 7.82 -3.38 5.38
N VAL A 446 8.98 -3.79 5.86
CA VAL A 446 9.63 -3.19 7.03
C VAL A 446 10.89 -2.42 6.60
N PRO A 447 11.03 -1.19 7.08
CA PRO A 447 12.21 -0.39 6.69
C PRO A 447 13.49 -1.09 7.14
N ALA A 448 14.41 -1.34 6.19
CA ALA A 448 15.62 -2.10 6.48
C ALA A 448 16.85 -1.21 6.58
N GLY A 449 16.70 0.07 6.23
CA GLY A 449 17.79 1.00 6.31
C GLY A 449 17.91 1.90 5.08
N LEU A 450 19.05 2.57 4.96
CA LEU A 450 19.27 3.50 3.86
C LEU A 450 20.42 3.06 2.98
N ILE A 451 20.27 3.27 1.68
CA ILE A 451 21.35 3.05 0.73
C ILE A 451 21.52 4.35 -0.05
N ASP A 452 22.68 4.99 0.13
CA ASP A 452 22.94 6.30 -0.44
C ASP A 452 21.83 7.29 -0.08
N GLY A 453 21.41 7.27 1.17
CA GLY A 453 20.43 8.21 1.68
C GLY A 453 18.98 7.91 1.31
N LEU A 454 18.74 6.83 0.58
CA LEU A 454 17.37 6.46 0.19
C LEU A 454 16.93 5.15 0.86
N PRO A 455 15.63 5.06 1.21
CA PRO A 455 15.16 3.89 1.96
C PRO A 455 15.08 2.60 1.13
N ALA A 456 15.28 1.47 1.80
CA ALA A 456 15.02 0.16 1.20
C ALA A 456 14.25 -0.70 2.20
N GLY A 457 13.32 -1.51 1.70
CA GLY A 457 12.47 -2.33 2.56
C GLY A 457 12.77 -3.81 2.50
N MET A 458 12.50 -4.49 3.60
CA MET A 458 12.48 -5.95 3.64
C MET A 458 11.05 -6.42 3.77
N LEU A 459 10.67 -7.42 2.99
CA LEU A 459 9.33 -8.01 3.08
C LEU A 459 9.31 -9.20 4.05
N ILE A 460 8.38 -9.18 4.97
CA ILE A 460 8.13 -10.31 5.86
C ILE A 460 6.84 -10.97 5.40
N ILE A 461 6.90 -12.24 5.01
CA ILE A 461 5.71 -12.97 4.55
C ILE A 461 5.33 -14.06 5.56
N GLY A 462 4.04 -14.11 5.90
CA GLY A 462 3.56 -15.20 6.75
C GLY A 462 2.76 -16.25 6.00
N ASP A 463 2.49 -17.36 6.69
CA ASP A 463 1.58 -18.41 6.21
C ASP A 463 0.20 -17.82 5.95
N ARG A 464 -0.61 -18.49 5.14
CA ARG A 464 -1.98 -18.03 4.92
C ARG A 464 -2.68 -17.81 6.28
N GLN A 465 -3.30 -16.63 6.41
CA GLN A 465 -4.01 -16.19 7.62
C GLN A 465 -3.17 -16.02 8.87
N ALA A 466 -1.85 -15.93 8.69
CA ALA A 466 -0.94 -15.72 9.81
C ALA A 466 -0.53 -14.25 9.95
N ASP A 467 -1.52 -13.36 9.84
CA ASP A 467 -1.33 -11.93 10.00
C ASP A 467 -0.60 -11.58 11.30
N LEU A 468 -0.99 -12.24 12.39
CA LEU A 468 -0.39 -11.92 13.69
C LEU A 468 1.09 -12.31 13.75
N ASP A 469 1.49 -13.37 13.05
CA ASP A 469 2.92 -13.73 12.97
C ASP A 469 3.74 -12.63 12.28
N VAL A 470 3.16 -12.05 11.24
CA VAL A 470 3.80 -10.96 10.51
C VAL A 470 3.94 -9.74 11.44
N ILE A 471 2.88 -9.41 12.17
CA ILE A 471 2.94 -8.33 13.14
C ILE A 471 4.03 -8.60 14.20
N ALA A 472 4.03 -9.81 14.75
CA ALA A 472 5.00 -10.17 15.78
C ALA A 472 6.43 -9.98 15.29
N ALA A 473 6.74 -10.51 14.10
CA ALA A 473 8.09 -10.38 13.54
C ALA A 473 8.45 -8.93 13.24
N SER A 474 7.48 -8.17 12.72
CA SER A 474 7.70 -6.77 12.39
C SER A 474 8.06 -5.95 13.62
N ALA A 475 7.30 -6.13 14.69
CA ALA A 475 7.52 -5.40 15.94
C ALA A 475 8.85 -5.77 16.58
N ALA A 476 9.21 -7.05 16.49
CA ALA A 476 10.49 -7.56 17.01
C ALA A 476 11.65 -6.88 16.29
N PHE A 477 11.54 -6.82 14.97
CA PHE A 477 12.56 -6.19 14.14
C PHE A 477 12.65 -4.70 14.47
N GLU A 478 11.48 -4.07 14.61
CA GLU A 478 11.39 -2.63 14.91
C GLU A 478 12.13 -2.32 16.21
N ARG A 479 12.00 -3.18 17.20
CA ARG A 479 12.67 -2.97 18.49
C ARG A 479 14.20 -3.11 18.35
N ALA A 480 14.63 -4.13 17.62
CA ALA A 480 16.06 -4.46 17.52
C ALA A 480 16.78 -3.64 16.47
N SER A 481 16.04 -3.22 15.45
CA SER A 481 16.63 -2.51 14.32
C SER A 481 15.78 -1.32 13.92
N PRO A 482 15.69 -0.30 14.80
CA PRO A 482 14.76 0.81 14.57
C PRO A 482 15.05 1.60 13.31
N TRP A 483 14.01 2.20 12.74
CA TRP A 483 14.16 3.01 11.54
C TRP A 483 13.70 4.44 11.77
N SER A 484 13.21 4.73 12.97
CA SER A 484 12.61 6.03 13.22
C SER A 484 13.64 7.16 13.13
N GLN A 485 14.91 6.84 13.42
CA GLN A 485 15.95 7.86 13.37
C GLN A 485 16.09 8.43 11.96
N TYR A 486 15.82 7.63 10.94
CA TYR A 486 15.96 8.09 9.55
C TYR A 486 14.93 9.15 9.17
N TYR A 487 13.84 9.29 9.95
CA TYR A 487 12.88 10.36 9.67
C TYR A 487 13.49 11.75 9.91
N ASP A 488 14.69 11.81 10.48
CA ASP A 488 15.40 13.07 10.62
C ASP A 488 15.63 13.74 9.26
N ILE A 489 15.75 12.94 8.22
CA ILE A 489 16.01 13.45 6.89
C ILE A 489 14.80 14.23 6.34
N PRO A 490 13.61 13.59 6.24
CA PRO A 490 12.50 14.45 5.80
C PRO A 490 12.14 15.55 6.82
N ALA A 491 12.31 15.28 8.11
CA ALA A 491 11.99 16.28 9.13
C ALA A 491 12.79 17.57 8.93
N GLY A 492 14.01 17.45 8.42
CA GLY A 492 14.87 18.61 8.22
C GLY A 492 14.90 19.16 6.82
N ARG A 493 14.05 18.67 5.93
CA ARG A 493 14.11 19.10 4.54
C ARG A 493 13.61 20.54 4.36
N PRO A 494 14.20 21.28 3.39
CA PRO A 494 13.77 22.64 3.06
C PRO A 494 12.34 22.70 2.50
N LEU A 495 11.58 23.72 2.89
CA LEU A 495 10.19 23.81 2.46
C LEU A 495 9.97 24.90 1.41
S CXS B . 25.45 -22.55 11.26
O1 CXS B . 26.46 -23.68 11.11
O2 CXS B . 25.45 -22.33 12.75
O3 CXS B . 24.09 -22.99 10.76
C1 CXS B . 25.99 -21.09 10.41
C2 CXS B . 25.11 -19.92 10.77
C3 CXS B . 24.65 -19.17 9.53
N CXS B . 23.56 -18.32 9.89
C4 CXS B . 23.35 -17.44 9.00
C5 CXS B . 22.99 -18.10 7.59
C6 CXS B . 22.00 -17.38 6.67
C7 CXS B . 21.71 -16.10 7.05
C8 CXS B . 21.52 -15.65 8.32
C9 CXS B . 21.97 -16.67 9.34
C1 TYL C . -2.84 -1.69 -8.23
C2 TYL C . -3.44 -1.37 -7.02
C3 TYL C . -4.81 -1.53 -6.87
C4 TYL C . -5.56 -2.01 -7.94
C5 TYL C . -4.96 -2.31 -9.15
C6 TYL C . -3.59 -2.16 -9.30
N TYL C . -1.45 -1.51 -8.41
C TYL C . -0.49 -2.06 -7.56
CM TYL C . 0.95 -1.76 -7.91
O4 TYL C . -6.95 -2.18 -7.81
O TYL C . -0.80 -2.74 -6.59
#